data_8OJP
#
_entry.id   8OJP
#
_cell.length_a   53.350
_cell.length_b   61.960
_cell.length_c   100.730
_cell.angle_alpha   90.000
_cell.angle_beta   90.000
_cell.angle_gamma   90.000
#
_symmetry.space_group_name_H-M   'P 21 21 21'
#
loop_
_entity.id
_entity.type
_entity.pdbx_description
1 polymer Galectin-1
2 non-polymer (2~{R},3~{R},4~{S},5~{R},6~{R})-2-[3,5-bis(chloranyl)-4-fluoranyl-phenyl]sulfanyl-6-(hydroxymethyl)-4-[4-(1,3-thiazol-2-yl)-1,2,3-triazol-1-yl]oxane-3,5-diol
3 non-polymer GLYCEROL
4 water water
#
_entity_poly.entity_id   1
_entity_poly.type   'polypeptide(L)'
_entity_poly.pdbx_seq_one_letter_code
;MACGLVASNLNLKPGE(CME)LRVRGEVAPDAKSFVLNLGKDSNNLCLHFNPRFNAHGDANTIVCNSKDGGAWGTEQREA
VFPFQPGSVAEV(CME)ITFDQANLTVKLPDGYEFKFPNRLNLEAINYMAADGDFKIK(CME)VAFD
;
_entity_poly.pdbx_strand_id   A,B
#
loop_
_chem_comp.id
_chem_comp.type
_chem_comp.name
_chem_comp.formula
GOL non-polymer GLYCEROL 'C3 H8 O3'
VPZ non-polymer (2~{R},3~{R},4~{S},5~{R},6~{R})-2-[3,5-bis(chloranyl)-4-fluoranyl-phenyl]sulfanyl-6-(hydroxymethyl)-4-[4-(1,3-thiazol-2-yl)-1,2,3-triazol-1-yl]oxane-3,5-diol 'C17 H15 Cl2 F N4 O4 S2'
#
# COMPACT_ATOMS: atom_id res chain seq x y z
N CYS A 3 12.54 -5.85 -0.05
CA CYS A 3 12.79 -4.69 0.86
C CYS A 3 11.83 -3.54 0.56
N GLY A 4 11.20 -3.51 -0.63
CA GLY A 4 10.15 -2.54 -0.88
C GLY A 4 8.86 -2.95 -0.17
N LEU A 5 7.83 -2.13 -0.34
N LEU A 5 7.84 -2.11 -0.36
CA LEU A 5 6.53 -2.33 0.27
CA LEU A 5 6.48 -2.31 0.12
C LEU A 5 5.93 -3.68 -0.13
C LEU A 5 5.97 -3.73 -0.14
N VAL A 6 5.28 -4.30 0.85
CA VAL A 6 4.51 -5.51 0.66
C VAL A 6 3.11 -5.22 1.20
N ALA A 7 2.10 -5.46 0.40
CA ALA A 7 0.72 -5.27 0.86
C ALA A 7 -0.10 -6.53 0.66
N SER A 8 -1.01 -6.78 1.59
CA SER A 8 -1.80 -7.97 1.52
C SER A 8 -3.26 -7.61 1.83
N ASN A 9 -4.16 -8.58 1.62
CA ASN A 9 -5.60 -8.37 1.72
C ASN A 9 -6.10 -7.32 0.75
N LEU A 10 -5.56 -7.26 -0.45
CA LEU A 10 -5.96 -6.23 -1.42
C LEU A 10 -7.37 -6.44 -1.98
N ASN A 11 -7.76 -7.70 -2.14
CA ASN A 11 -9.03 -8.07 -2.75
C ASN A 11 -9.31 -7.31 -4.06
N LEU A 12 -8.34 -7.25 -4.97
CA LEU A 12 -8.53 -6.64 -6.28
C LEU A 12 -9.29 -7.62 -7.19
N LYS A 13 -10.46 -7.21 -7.64
CA LYS A 13 -11.31 -8.09 -8.42
C LYS A 13 -11.09 -7.88 -9.92
N PRO A 14 -11.55 -8.80 -10.79
CA PRO A 14 -11.42 -8.63 -12.23
C PRO A 14 -12.04 -7.32 -12.68
N GLY A 15 -11.37 -6.61 -13.59
CA GLY A 15 -11.93 -5.35 -14.07
C GLY A 15 -11.47 -4.17 -13.24
N GLU A 16 -10.95 -4.39 -12.02
CA GLU A 16 -10.54 -3.27 -11.17
C GLU A 16 -9.10 -2.91 -11.49
N CME A 17 -8.76 -1.63 -11.33
CA CME A 17 -7.47 -1.12 -11.73
CB CME A 17 -7.66 0.20 -12.47
SG CME A 17 -6.12 0.85 -13.19
SD CME A 17 -5.83 -0.40 -14.79
CE CME A 17 -6.78 0.38 -16.14
CZ CME A 17 -5.95 1.27 -17.05
OH CME A 17 -6.46 2.59 -17.25
C CME A 17 -6.57 -0.94 -10.49
O CME A 17 -6.98 -0.27 -9.53
H CME A 17 -9.36 -1.06 -10.95
HA CME A 17 -7.04 -1.75 -12.35
HB2 CME A 17 -8.32 0.05 -13.19
HB3 CME A 17 -8.03 0.87 -11.83
HE2 CME A 17 -7.18 -0.33 -16.69
HE3 CME A 17 -7.50 0.91 -15.75
HZ2 CME A 17 -5.06 1.35 -16.68
HZ3 CME A 17 -5.87 0.84 -17.91
N LEU A 18 -5.35 -1.47 -10.55
CA LEU A 18 -4.30 -1.13 -9.61
C LEU A 18 -3.34 -0.16 -10.29
N ARG A 19 -3.12 1.01 -9.67
N ARG A 19 -3.14 1.02 -9.68
CA ARG A 19 -2.22 2.03 -10.19
CA ARG A 19 -2.22 2.02 -10.20
C ARG A 19 -1.06 2.17 -9.22
C ARG A 19 -1.07 2.17 -9.22
N VAL A 20 0.16 2.13 -9.73
CA VAL A 20 1.33 2.28 -8.89
C VAL A 20 2.23 3.35 -9.51
N ARG A 21 2.59 4.36 -8.71
CA ARG A 21 3.50 5.39 -9.18
C ARG A 21 4.76 5.32 -8.33
N GLY A 22 5.91 5.45 -8.98
CA GLY A 22 7.15 5.52 -8.25
C GLY A 22 8.19 6.29 -9.03
N GLU A 23 9.37 6.38 -8.47
CA GLU A 23 10.46 7.09 -9.10
C GLU A 23 11.58 6.06 -9.30
N VAL A 24 11.99 5.90 -10.55
CA VAL A 24 13.08 5.02 -10.90
C VAL A 24 14.38 5.66 -10.39
N ALA A 25 15.23 4.84 -9.76
CA ALA A 25 16.48 5.34 -9.22
C ALA A 25 17.38 5.84 -10.36
N PRO A 26 18.24 6.84 -10.10
CA PRO A 26 19.10 7.39 -11.16
C PRO A 26 20.12 6.38 -11.70
N ASP A 27 20.44 5.38 -10.90
CA ASP A 27 21.38 4.35 -11.35
C ASP A 27 20.71 2.99 -11.46
N ALA A 28 19.40 2.95 -11.82
CA ALA A 28 18.62 1.74 -11.71
C ALA A 28 19.18 0.62 -12.60
N LYS A 29 19.18 -0.58 -12.03
CA LYS A 29 19.49 -1.81 -12.75
C LYS A 29 18.21 -2.49 -13.21
N SER A 30 17.25 -2.60 -12.29
N SER A 30 17.26 -2.61 -12.29
CA SER A 30 15.96 -3.19 -12.57
CA SER A 30 15.96 -3.19 -12.56
C SER A 30 15.04 -2.89 -11.40
C SER A 30 15.04 -2.89 -11.40
N PHE A 31 13.75 -3.03 -11.61
CA PHE A 31 12.80 -3.04 -10.49
C PHE A 31 11.72 -4.07 -10.73
N VAL A 32 10.93 -4.34 -9.66
CA VAL A 32 9.94 -5.38 -9.64
C VAL A 32 8.64 -4.91 -9.02
N LEU A 33 7.55 -5.25 -9.70
CA LEU A 33 6.23 -5.31 -9.07
CA LEU A 33 6.25 -5.30 -9.06
C LEU A 33 5.69 -6.72 -9.14
N ASN A 34 5.28 -7.26 -7.98
CA ASN A 34 4.74 -8.60 -7.88
C ASN A 34 3.28 -8.50 -7.48
N LEU A 35 2.43 -9.28 -8.15
CA LEU A 35 1.02 -9.39 -7.79
C LEU A 35 0.63 -10.86 -7.71
N GLY A 36 -0.25 -11.18 -6.80
CA GLY A 36 -0.73 -12.54 -6.77
C GLY A 36 -1.57 -12.82 -5.53
N LYS A 37 -1.42 -14.06 -5.05
CA LYS A 37 -2.04 -14.52 -3.81
C LYS A 37 -1.10 -14.34 -2.61
N ASP A 38 0.18 -14.63 -2.79
CA ASP A 38 1.16 -14.53 -1.74
C ASP A 38 2.51 -14.58 -2.43
N SER A 39 3.58 -14.52 -1.64
CA SER A 39 4.90 -14.35 -2.22
C SER A 39 5.30 -15.54 -3.11
N ASN A 40 4.68 -16.70 -2.90
CA ASN A 40 5.02 -17.88 -3.68
C ASN A 40 4.05 -18.15 -4.83
N ASN A 41 3.01 -17.34 -4.96
CA ASN A 41 1.97 -17.59 -5.93
C ASN A 41 1.63 -16.26 -6.62
N LEU A 42 2.36 -15.94 -7.69
CA LEU A 42 2.25 -14.64 -8.33
C LEU A 42 1.62 -14.81 -9.71
N CYS A 43 0.48 -14.13 -9.96
CA CYS A 43 -0.09 -14.12 -11.30
C CYS A 43 0.73 -13.17 -12.18
N LEU A 44 1.49 -12.23 -11.59
CA LEU A 44 2.40 -11.39 -12.39
C LEU A 44 3.60 -10.96 -11.59
N HIS A 45 4.78 -11.23 -12.16
CA HIS A 45 6.04 -10.66 -11.75
C HIS A 45 6.49 -9.77 -12.91
N PHE A 46 6.48 -8.47 -12.67
CA PHE A 46 6.72 -7.46 -13.69
C PHE A 46 8.10 -6.89 -13.40
N ASN A 47 9.04 -7.06 -14.33
CA ASN A 47 10.46 -6.80 -14.04
C ASN A 47 11.16 -6.04 -15.16
N PRO A 48 10.99 -4.70 -15.21
CA PRO A 48 11.79 -3.88 -16.14
C PRO A 48 13.27 -3.96 -15.78
N ARG A 49 14.07 -4.35 -16.77
CA ARG A 49 15.50 -4.49 -16.65
C ARG A 49 16.17 -3.43 -17.50
N PHE A 50 16.84 -2.48 -16.82
CA PHE A 50 17.67 -1.50 -17.50
C PHE A 50 18.95 -2.21 -17.93
N ASN A 51 19.57 -2.86 -16.95
CA ASN A 51 20.77 -3.67 -17.17
C ASN A 51 20.85 -4.66 -16.03
N ALA A 52 20.28 -5.84 -16.20
CA ALA A 52 20.16 -6.76 -15.10
C ALA A 52 19.83 -8.14 -15.63
N HIS A 53 20.36 -9.14 -14.92
CA HIS A 53 19.91 -10.52 -15.01
C HIS A 53 20.09 -11.00 -16.45
N GLY A 54 21.05 -10.43 -17.17
CA GLY A 54 21.29 -10.80 -18.56
C GLY A 54 20.68 -9.91 -19.65
N ASP A 55 19.76 -8.97 -19.31
CA ASP A 55 19.04 -8.21 -20.34
C ASP A 55 19.33 -6.72 -20.23
N ALA A 56 19.09 -6.00 -21.32
CA ALA A 56 19.23 -4.54 -21.33
C ALA A 56 17.96 -3.93 -21.92
N ASN A 57 17.44 -2.89 -21.26
CA ASN A 57 16.21 -2.21 -21.64
C ASN A 57 15.11 -3.17 -22.11
N THR A 58 14.77 -4.16 -21.27
CA THR A 58 13.79 -5.16 -21.58
C THR A 58 12.88 -5.37 -20.36
N ILE A 59 11.59 -5.44 -20.61
CA ILE A 59 10.64 -5.86 -19.59
C ILE A 59 10.54 -7.38 -19.65
N VAL A 60 10.79 -8.01 -18.50
CA VAL A 60 10.54 -9.45 -18.34
C VAL A 60 9.40 -9.68 -17.36
N CYS A 61 8.40 -10.42 -17.84
CA CYS A 61 7.32 -10.85 -16.95
C CYS A 61 7.31 -12.36 -16.76
N ASN A 62 6.79 -12.79 -15.60
CA ASN A 62 6.64 -14.21 -15.34
C ASN A 62 5.50 -14.38 -14.33
N SER A 63 5.21 -15.63 -14.09
CA SER A 63 4.36 -16.09 -12.99
C SER A 63 5.20 -16.90 -12.02
N LYS A 64 4.59 -17.18 -10.85
CA LYS A 64 5.21 -18.06 -9.90
C LYS A 64 4.10 -18.89 -9.26
N ASP A 65 4.30 -20.22 -9.20
CA ASP A 65 3.24 -21.11 -8.78
C ASP A 65 3.84 -22.13 -7.83
N GLY A 66 3.40 -22.09 -6.57
CA GLY A 66 3.93 -22.98 -5.56
C GLY A 66 5.44 -22.78 -5.44
N GLY A 67 5.88 -21.55 -5.64
CA GLY A 67 7.27 -21.16 -5.53
C GLY A 67 8.10 -21.28 -6.81
N ALA A 68 7.58 -21.93 -7.84
CA ALA A 68 8.34 -22.17 -9.07
C ALA A 68 8.04 -21.10 -10.12
N TRP A 69 9.09 -20.52 -10.71
CA TRP A 69 8.92 -19.60 -11.82
C TRP A 69 8.30 -20.32 -13.02
N GLY A 70 7.42 -19.63 -13.73
CA GLY A 70 6.87 -20.09 -15.01
C GLY A 70 7.78 -19.71 -16.18
N THR A 71 7.16 -19.68 -17.36
CA THR A 71 7.84 -19.32 -18.59
CA THR A 71 7.89 -19.32 -18.57
C THR A 71 7.91 -17.80 -18.72
N GLU A 72 9.08 -17.27 -19.01
CA GLU A 72 9.25 -15.83 -19.14
C GLU A 72 8.57 -15.33 -20.41
N GLN A 73 8.19 -14.06 -20.36
CA GLN A 73 7.62 -13.33 -21.48
C GLN A 73 8.33 -11.98 -21.54
N ARG A 74 8.95 -11.67 -22.69
CA ARG A 74 9.62 -10.40 -22.85
C ARG A 74 8.85 -9.46 -23.76
N GLU A 75 8.89 -8.15 -23.43
CA GLU A 75 8.18 -7.18 -24.26
C GLU A 75 9.12 -6.50 -25.27
N ALA A 76 8.53 -5.74 -26.19
CA ALA A 76 9.26 -5.12 -27.31
C ALA A 76 9.52 -3.61 -27.05
N VAL A 77 9.10 -3.10 -25.89
CA VAL A 77 9.11 -1.67 -25.60
C VAL A 77 9.70 -1.47 -24.22
N PHE A 78 10.23 -0.26 -23.98
CA PHE A 78 10.87 0.03 -22.71
C PHE A 78 10.73 1.51 -22.37
N PRO A 79 9.54 1.96 -21.98
CA PRO A 79 9.30 3.38 -21.69
C PRO A 79 9.57 3.74 -20.23
N PHE A 80 10.79 3.44 -19.81
CA PHE A 80 11.29 3.84 -18.51
C PHE A 80 12.62 4.53 -18.74
N GLN A 81 12.97 5.42 -17.80
CA GLN A 81 14.19 6.17 -17.87
C GLN A 81 14.71 6.23 -16.46
N PRO A 82 16.03 6.01 -16.24
CA PRO A 82 16.59 6.17 -14.91
C PRO A 82 16.32 7.56 -14.38
N GLY A 83 15.93 7.64 -13.10
CA GLY A 83 15.66 8.91 -12.47
C GLY A 83 14.18 9.37 -12.58
N SER A 84 13.44 8.91 -13.59
CA SER A 84 12.14 9.47 -13.92
C SER A 84 11.03 8.81 -13.09
N VAL A 85 10.04 9.62 -12.76
CA VAL A 85 8.75 9.14 -12.27
C VAL A 85 8.10 8.26 -13.33
N ALA A 86 7.48 7.17 -12.90
CA ALA A 86 6.77 6.27 -13.80
C ALA A 86 5.52 5.75 -13.07
N GLU A 87 4.39 5.70 -13.78
CA GLU A 87 3.17 5.08 -13.30
C GLU A 87 2.81 3.87 -14.17
N VAL A 88 2.39 2.77 -13.54
CA VAL A 88 2.00 1.54 -14.23
C VAL A 88 0.59 1.23 -13.71
N CME A 89 -0.28 0.74 -14.61
CA CME A 89 -1.65 0.40 -14.26
CB CME A 89 -2.63 1.28 -14.93
SG CME A 89 -2.49 3.00 -14.41
SD CME A 89 -2.43 3.96 -16.22
CE CME A 89 -0.62 4.15 -16.19
CZ CME A 89 -0.12 5.10 -17.18
OH CME A 89 1.27 5.08 -17.12
C CME A 89 -1.89 -1.06 -14.64
O CME A 89 -1.59 -1.45 -15.76
H CME A 89 0.00 0.61 -15.47
HA CME A 89 -1.76 0.51 -13.30
HB2 CME A 89 -2.50 1.24 -15.91
HB3 CME A 89 -3.54 0.96 -14.71
HE2 CME A 89 -0.34 4.46 -15.30
HE3 CME A 89 -0.20 3.28 -16.36
HZ2 CME A 89 -0.42 4.84 -18.07
HZ3 CME A 89 -0.46 5.99 -16.98
N ILE A 90 -2.51 -1.85 -13.75
CA ILE A 90 -2.72 -3.25 -14.05
C ILE A 90 -4.17 -3.63 -13.75
N THR A 91 -4.75 -4.43 -14.66
CA THR A 91 -6.10 -4.96 -14.48
C THR A 91 -6.04 -6.42 -14.97
N PHE A 92 -7.05 -7.23 -14.63
CA PHE A 92 -7.10 -8.59 -15.16
C PHE A 92 -8.52 -9.03 -15.40
N ASP A 93 -8.62 -10.07 -16.25
CA ASP A 93 -9.82 -10.83 -16.42
C ASP A 93 -9.40 -12.30 -16.40
N GLN A 94 -10.33 -13.18 -16.71
CA GLN A 94 -10.07 -14.61 -16.64
C GLN A 94 -8.97 -15.02 -17.63
N ALA A 95 -8.77 -14.25 -18.71
CA ALA A 95 -7.88 -14.71 -19.78
C ALA A 95 -6.47 -14.14 -19.62
N ASN A 96 -6.33 -12.85 -19.22
CA ASN A 96 -5.05 -12.19 -19.17
C ASN A 96 -5.04 -11.10 -18.10
N LEU A 97 -3.83 -10.70 -17.74
CA LEU A 97 -3.62 -9.39 -17.13
C LEU A 97 -3.29 -8.43 -18.25
N THR A 98 -3.76 -7.19 -18.12
CA THR A 98 -3.37 -6.10 -19.00
C THR A 98 -2.55 -5.09 -18.22
N VAL A 99 -1.34 -4.82 -18.72
CA VAL A 99 -0.43 -3.87 -18.13
C VAL A 99 -0.40 -2.63 -19.02
N LYS A 100 -0.61 -1.46 -18.42
CA LYS A 100 -0.50 -0.19 -19.11
C LYS A 100 0.72 0.53 -18.56
N LEU A 101 1.62 0.89 -19.49
CA LEU A 101 2.92 1.43 -19.18
C LEU A 101 2.85 2.96 -19.24
N PRO A 102 3.90 3.63 -18.81
CA PRO A 102 3.88 5.09 -18.65
C PRO A 102 3.62 5.96 -19.86
N ASP A 103 3.89 5.41 -21.05
CA ASP A 103 3.58 6.12 -22.29
C ASP A 103 2.22 5.67 -22.86
N GLY A 104 1.40 4.95 -22.10
CA GLY A 104 0.09 4.50 -22.59
C GLY A 104 0.13 3.15 -23.32
N TYR A 105 1.34 2.63 -23.67
CA TYR A 105 1.45 1.32 -24.28
C TYR A 105 0.86 0.26 -23.35
N GLU A 106 0.08 -0.67 -23.92
CA GLU A 106 -0.56 -1.75 -23.18
C GLU A 106 -0.11 -3.10 -23.73
N PHE A 107 0.20 -4.05 -22.86
CA PHE A 107 0.40 -5.44 -23.28
C PHE A 107 -0.30 -6.40 -22.35
N LYS A 108 -0.51 -7.63 -22.85
CA LYS A 108 -1.19 -8.66 -22.08
C LYS A 108 -0.24 -9.75 -21.70
N PHE A 109 -0.51 -10.30 -20.51
CA PHE A 109 0.23 -11.41 -19.94
C PHE A 109 -0.79 -12.46 -19.58
N PRO A 110 -0.62 -13.76 -19.94
CA PRO A 110 -1.71 -14.71 -19.75
C PRO A 110 -1.98 -14.93 -18.28
N ASN A 111 -3.23 -15.19 -17.98
CA ASN A 111 -3.63 -15.51 -16.60
C ASN A 111 -3.40 -17.00 -16.41
N ARG A 112 -2.34 -17.35 -15.66
CA ARG A 112 -1.92 -18.73 -15.50
C ARG A 112 -2.42 -19.41 -14.22
N LEU A 113 -2.76 -18.63 -13.20
CA LEU A 113 -3.09 -19.20 -11.89
C LEU A 113 -4.59 -19.26 -11.67
N ASN A 114 -5.40 -18.55 -12.47
CA ASN A 114 -6.85 -18.57 -12.29
C ASN A 114 -7.25 -18.05 -10.90
N LEU A 115 -6.63 -16.97 -10.40
CA LEU A 115 -7.02 -16.47 -9.09
C LEU A 115 -8.38 -15.75 -9.16
N GLU A 116 -9.16 -15.81 -8.08
CA GLU A 116 -10.44 -15.11 -8.02
C GLU A 116 -10.21 -13.59 -7.87
N ALA A 117 -9.10 -13.25 -7.21
CA ALA A 117 -8.82 -11.87 -6.83
C ALA A 117 -7.33 -11.78 -6.61
N ILE A 118 -6.77 -10.58 -6.74
CA ILE A 118 -5.39 -10.37 -6.41
C ILE A 118 -5.38 -9.83 -4.97
N ASN A 119 -4.70 -10.54 -4.11
CA ASN A 119 -4.64 -10.19 -2.71
C ASN A 119 -3.28 -9.68 -2.24
N TYR A 120 -2.26 -9.81 -3.07
CA TYR A 120 -0.90 -9.56 -2.63
C TYR A 120 -0.20 -8.71 -3.67
N MET A 121 0.51 -7.70 -3.20
CA MET A 121 1.41 -6.92 -4.04
C MET A 121 2.72 -6.71 -3.31
N ALA A 122 3.80 -6.58 -4.08
CA ALA A 122 5.09 -6.30 -3.48
C ALA A 122 5.93 -5.55 -4.49
N ALA A 123 6.73 -4.60 -3.99
CA ALA A 123 7.69 -3.88 -4.82
C ALA A 123 9.11 -4.24 -4.40
N ASP A 124 10.04 -4.26 -5.35
CA ASP A 124 11.43 -4.48 -5.05
C ASP A 124 12.29 -3.75 -6.10
N GLY A 125 13.60 -3.67 -5.80
CA GLY A 125 14.57 -3.15 -6.73
C GLY A 125 14.54 -1.62 -6.76
N ASP A 126 14.98 -1.08 -7.90
CA ASP A 126 15.47 0.30 -7.94
C ASP A 126 14.37 1.29 -8.30
N PHE A 127 13.32 1.31 -7.48
CA PHE A 127 12.08 2.05 -7.77
C PHE A 127 11.51 2.43 -6.40
N LYS A 128 11.32 3.72 -6.13
CA LYS A 128 10.73 4.14 -4.87
C LYS A 128 9.24 4.41 -5.09
N ILE A 129 8.37 3.69 -4.39
CA ILE A 129 6.93 3.85 -4.51
C ILE A 129 6.52 5.19 -3.91
N LYS A 130 5.73 5.97 -4.66
CA LYS A 130 5.18 7.22 -4.19
C LYS A 130 3.70 7.08 -3.83
N CME A 131 2.94 6.30 -4.61
CA CME A 131 1.55 6.09 -4.28
CB CME A 131 0.67 7.26 -4.56
SG CME A 131 0.66 7.80 -6.29
SD CME A 131 -0.59 6.38 -7.20
CE CME A 131 -2.17 7.26 -7.40
CZ CME A 131 -2.49 7.41 -8.89
OH CME A 131 -3.09 8.69 -9.13
C CME A 131 1.05 4.84 -4.96
O CME A 131 1.57 4.37 -5.97
H CME A 131 3.29 5.90 -5.35
HA CME A 131 1.51 5.95 -3.32
HB2 CME A 131 -0.26 7.03 -4.31
HB3 CME A 131 0.96 8.02 -4.00
HE2 CME A 131 -2.89 6.77 -6.96
HE3 CME A 131 -2.10 8.15 -6.99
HZ2 CME A 131 -1.67 7.34 -9.41
HZ3 CME A 131 -3.09 6.70 -9.17
N VAL A 132 -0.01 4.30 -4.35
CA VAL A 132 -0.69 3.16 -4.90
C VAL A 132 -2.18 3.43 -4.77
N ALA A 133 -2.92 3.17 -5.84
CA ALA A 133 -4.36 3.32 -5.85
C ALA A 133 -5.05 2.01 -6.23
N PHE A 134 -6.17 1.74 -5.55
CA PHE A 134 -6.84 0.45 -5.65
C PHE A 134 -8.26 0.71 -6.10
N ASP A 135 -8.48 0.37 -7.37
CA ASP A 135 -9.63 0.80 -8.13
C ASP A 135 -10.08 2.19 -7.69
N GLY B 4 -8.99 -5.77 6.40
CA GLY B 4 -8.54 -4.61 5.63
C GLY B 4 -7.08 -4.79 5.17
N LEU B 5 -6.63 -3.83 4.37
N LEU B 5 -6.65 -3.87 4.31
CA LEU B 5 -5.30 -3.86 3.80
CA LEU B 5 -5.28 -3.77 3.81
C LEU B 5 -4.25 -3.84 4.92
C LEU B 5 -4.27 -3.87 4.95
N VAL B 6 -3.19 -4.62 4.70
CA VAL B 6 -2.03 -4.65 5.58
C VAL B 6 -0.82 -4.40 4.73
N ALA B 7 -0.01 -3.43 5.13
CA ALA B 7 1.22 -3.16 4.39
C ALA B 7 2.41 -3.25 5.35
N SER B 8 3.52 -3.77 4.82
CA SER B 8 4.73 -3.84 5.60
C SER B 8 5.90 -3.35 4.78
N ASN B 9 7.04 -3.21 5.45
CA ASN B 9 8.23 -2.60 4.85
C ASN B 9 7.99 -1.19 4.34
N LEU B 10 7.20 -0.40 5.04
CA LEU B 10 6.91 0.96 4.61
C LEU B 10 8.11 1.90 4.70
N ASN B 11 8.98 1.65 5.69
CA ASN B 11 10.16 2.47 5.94
C ASN B 11 9.82 3.96 5.98
N LEU B 12 8.75 4.34 6.68
CA LEU B 12 8.38 5.74 6.81
C LEU B 12 9.27 6.38 7.87
N LYS B 13 10.03 7.38 7.47
CA LYS B 13 10.99 8.01 8.34
C LYS B 13 10.39 9.25 8.98
N PRO B 14 10.97 9.78 10.06
CA PRO B 14 10.46 10.98 10.71
C PRO B 14 10.37 12.12 9.72
N GLY B 15 9.30 12.89 9.79
CA GLY B 15 9.15 14.02 8.89
C GLY B 15 8.44 13.65 7.58
N GLU B 16 8.38 12.35 7.23
CA GLU B 16 7.70 11.95 5.99
C GLU B 16 6.20 11.87 6.23
N CME B 17 5.40 12.16 5.18
CA CME B 17 3.95 12.20 5.30
CB CME B 17 3.37 13.43 4.61
SG CME B 17 1.59 13.63 4.89
SD CME B 17 1.50 14.25 6.83
CE CME B 17 1.68 16.05 6.73
CZ CME B 17 0.38 16.71 6.38
OH CME B 17 0.60 17.99 5.83
C CME B 17 3.37 10.90 4.71
O CME B 17 3.69 10.58 3.57
H CME B 17 5.78 12.35 4.37
HA CME B 17 3.71 12.24 6.24
HB2 CME B 17 3.85 14.23 4.96
HB3 CME B 17 3.53 13.35 3.64
HE2 CME B 17 2.00 16.40 7.58
HE3 CME B 17 2.34 16.26 6.04
HZ2 CME B 17 -0.11 16.16 5.74
HZ3 CME B 17 -0.17 16.79 7.18
N LEU B 18 2.50 10.23 5.44
CA LEU B 18 1.67 9.15 4.93
C LEU B 18 0.27 9.67 4.73
N ARG B 19 -0.28 9.54 3.52
CA ARG B 19 -1.64 9.95 3.22
C ARG B 19 -2.46 8.72 2.88
N VAL B 20 -3.63 8.60 3.53
CA VAL B 20 -4.49 7.45 3.32
C VAL B 20 -5.89 7.95 3.01
N ARG B 21 -6.43 7.54 1.87
CA ARG B 21 -7.78 7.90 1.47
C ARG B 21 -8.58 6.61 1.37
N GLY B 22 -9.80 6.65 1.89
CA GLY B 22 -10.67 5.47 1.82
C GLY B 22 -12.13 5.87 1.84
N GLU B 23 -12.98 4.83 1.73
CA GLU B 23 -14.42 4.96 1.72
C GLU B 23 -14.97 4.46 3.05
N VAL B 24 -15.63 5.36 3.80
CA VAL B 24 -16.34 4.97 5.01
C VAL B 24 -17.69 4.35 4.61
N ALA B 25 -17.93 3.12 5.07
CA ALA B 25 -19.16 2.39 4.78
C ALA B 25 -20.39 3.19 5.19
N PRO B 26 -21.52 3.01 4.47
CA PRO B 26 -22.74 3.76 4.76
C PRO B 26 -23.33 3.52 6.15
N ASP B 27 -23.04 2.36 6.73
CA ASP B 27 -23.62 2.02 8.03
C ASP B 27 -22.50 1.86 9.06
N ALA B 28 -21.41 2.63 8.89
CA ALA B 28 -20.18 2.42 9.63
C ALA B 28 -20.39 2.54 11.13
N LYS B 29 -19.78 1.62 11.88
CA LYS B 29 -19.74 1.67 13.34
C LYS B 29 -18.44 2.32 13.82
N SER B 30 -17.32 1.95 13.18
CA SER B 30 -16.03 2.54 13.47
C SER B 30 -15.07 2.11 12.37
N PHE B 31 -13.90 2.76 12.33
CA PHE B 31 -12.83 2.21 11.52
C PHE B 31 -11.50 2.45 12.22
N VAL B 32 -10.50 1.73 11.74
CA VAL B 32 -9.17 1.71 12.31
C VAL B 32 -8.11 1.90 11.24
N LEU B 33 -7.12 2.71 11.61
CA LEU B 33 -5.82 2.71 10.96
CA LEU B 33 -5.83 2.70 10.94
C LEU B 33 -4.76 2.48 12.01
N ASN B 34 -3.96 1.44 11.80
CA ASN B 34 -2.87 1.08 12.70
C ASN B 34 -1.55 1.38 12.02
N LEU B 35 -0.59 1.92 12.77
CA LEU B 35 0.75 2.19 12.30
C LEU B 35 1.75 1.77 13.38
N GLY B 36 2.81 1.14 12.94
CA GLY B 36 3.87 0.83 13.89
C GLY B 36 4.91 -0.07 13.28
N LYS B 37 5.32 -1.07 14.09
CA LYS B 37 6.33 -2.03 13.70
C LYS B 37 5.68 -3.31 13.22
N ASP B 38 4.63 -3.76 13.91
CA ASP B 38 3.93 -4.97 13.55
C ASP B 38 2.62 -4.91 14.30
N SER B 39 1.80 -5.93 14.14
CA SER B 39 0.43 -5.88 14.66
C SER B 39 0.39 -5.77 16.19
N ASN B 40 1.50 -6.12 16.88
CA ASN B 40 1.51 -6.07 18.34
C ASN B 40 2.22 -4.84 18.90
N ASN B 41 2.81 -4.03 18.00
CA ASN B 41 3.62 -2.92 18.40
C ASN B 41 3.24 -1.71 17.55
N LEU B 42 2.28 -0.93 18.03
CA LEU B 42 1.70 0.17 17.28
C LEU B 42 2.04 1.48 17.94
N CYS B 43 2.69 2.38 17.21
CA CYS B 43 2.88 3.74 17.70
C CYS B 43 1.59 4.54 17.55
N LEU B 44 0.67 4.11 16.67
CA LEU B 44 -0.64 4.75 16.58
C LEU B 44 -1.71 3.79 16.14
N HIS B 45 -2.71 3.64 17.02
CA HIS B 45 -4.00 3.08 16.68
C HIS B 45 -5.01 4.23 16.62
N PHE B 46 -5.52 4.48 15.42
CA PHE B 46 -6.39 5.61 15.12
C PHE B 46 -7.79 5.06 14.87
N ASN B 47 -8.73 5.34 15.78
CA ASN B 47 -10.01 4.65 15.79
C ASN B 47 -11.18 5.63 15.90
N PRO B 48 -11.63 6.25 14.79
CA PRO B 48 -12.90 6.98 14.75
C PRO B 48 -14.08 6.06 15.01
N ARG B 49 -14.84 6.35 16.09
CA ARG B 49 -16.02 5.61 16.46
C ARG B 49 -17.27 6.43 16.16
N PHE B 50 -18.07 5.95 15.20
CA PHE B 50 -19.39 6.49 14.94
C PHE B 50 -20.32 6.06 16.07
N ASN B 51 -20.38 4.74 16.29
CA ASN B 51 -21.14 4.15 17.38
C ASN B 51 -20.58 2.78 17.66
N ALA B 52 -19.60 2.72 18.58
CA ALA B 52 -18.86 1.48 18.79
C ALA B 52 -18.11 1.58 20.11
N HIS B 53 -17.95 0.41 20.74
CA HIS B 53 -17.01 0.25 21.84
C HIS B 53 -17.39 1.17 22.98
N GLY B 54 -18.67 1.56 23.04
CA GLY B 54 -19.12 2.47 24.09
C GLY B 54 -19.16 3.96 23.74
N ASP B 55 -18.65 4.39 22.57
CA ASP B 55 -18.51 5.81 22.26
C ASP B 55 -19.33 6.13 21.00
N ALA B 56 -19.70 7.37 20.82
CA ALA B 56 -20.40 7.82 19.64
C ALA B 56 -19.71 9.09 19.18
N ASN B 57 -19.55 9.22 17.85
CA ASN B 57 -18.84 10.31 17.22
C ASN B 57 -17.59 10.78 17.99
N THR B 58 -16.67 9.85 18.28
CA THR B 58 -15.46 10.17 19.02
C THR B 58 -14.26 9.49 18.38
N ILE B 59 -13.15 10.21 18.25
CA ILE B 59 -11.90 9.61 17.84
C ILE B 59 -11.16 9.13 19.08
N VAL B 60 -10.83 7.84 19.10
CA VAL B 60 -9.98 7.25 20.13
C VAL B 60 -8.66 6.85 19.51
N CYS B 61 -7.59 7.30 20.15
CA CYS B 61 -6.26 6.87 19.78
C CYS B 61 -5.58 6.13 20.92
N ASN B 62 -4.68 5.20 20.55
CA ASN B 62 -3.87 4.51 21.54
C ASN B 62 -2.59 4.02 20.90
N SER B 63 -1.69 3.53 21.76
CA SER B 63 -0.53 2.77 21.39
C SER B 63 -0.71 1.32 21.81
N LYS B 64 0.14 0.45 21.26
CA LYS B 64 0.17 -0.95 21.67
C LYS B 64 1.62 -1.39 21.73
N ASP B 65 2.01 -2.04 22.83
CA ASP B 65 3.42 -2.33 23.04
C ASP B 65 3.51 -3.75 23.59
N GLY B 66 4.11 -4.63 22.78
CA GLY B 66 4.18 -6.05 23.14
C GLY B 66 2.81 -6.62 23.40
N GLY B 67 1.84 -6.12 22.64
CA GLY B 67 0.47 -6.60 22.67
C GLY B 67 -0.43 -5.89 23.67
N ALA B 68 0.12 -5.01 24.52
CA ALA B 68 -0.66 -4.35 25.57
C ALA B 68 -1.08 -2.95 25.14
N TRP B 69 -2.36 -2.63 25.28
CA TRP B 69 -2.84 -1.29 25.00
C TRP B 69 -2.25 -0.28 26.00
N GLY B 70 -1.93 0.92 25.54
CA GLY B 70 -1.56 2.00 26.44
C GLY B 70 -2.77 2.80 26.93
N THR B 71 -2.49 4.05 27.34
CA THR B 71 -3.52 4.95 27.79
C THR B 71 -4.23 5.61 26.61
N GLU B 72 -5.56 5.57 26.62
CA GLU B 72 -6.33 6.13 25.52
C GLU B 72 -6.25 7.66 25.52
N GLN B 73 -6.37 8.23 24.32
CA GLN B 73 -6.57 9.66 24.13
C GLN B 73 -7.81 9.85 23.26
N ARG B 74 -8.68 10.79 23.66
CA ARG B 74 -9.89 11.06 22.88
C ARG B 74 -9.84 12.47 22.33
N GLU B 75 -10.33 12.65 21.10
CA GLU B 75 -10.41 13.99 20.51
C GLU B 75 -11.78 14.62 20.73
N ALA B 76 -11.90 15.93 20.45
CA ALA B 76 -13.10 16.70 20.76
C ALA B 76 -13.86 17.04 19.48
N VAL B 77 -13.40 16.51 18.35
CA VAL B 77 -13.94 16.82 17.03
C VAL B 77 -14.10 15.51 16.28
N PHE B 78 -15.04 15.51 15.33
CA PHE B 78 -15.36 14.30 14.60
C PHE B 78 -15.76 14.64 13.16
N PRO B 79 -14.80 14.97 12.28
CA PRO B 79 -15.09 15.30 10.88
C PRO B 79 -15.13 14.08 9.96
N PHE B 80 -15.91 13.07 10.36
CA PHE B 80 -16.16 11.92 9.52
C PHE B 80 -17.66 11.73 9.41
N GLN B 81 -18.07 11.14 8.28
CA GLN B 81 -19.47 10.87 8.03
C GLN B 81 -19.57 9.47 7.45
N PRO B 82 -20.56 8.66 7.85
CA PRO B 82 -20.79 7.38 7.19
C PRO B 82 -21.02 7.63 5.71
N GLY B 83 -20.55 6.71 4.89
CA GLY B 83 -20.93 6.69 3.48
C GLY B 83 -20.27 7.82 2.69
N SER B 84 -19.02 8.11 3.02
CA SER B 84 -18.30 9.24 2.44
C SER B 84 -16.83 8.87 2.27
N VAL B 85 -16.15 9.58 1.37
CA VAL B 85 -14.70 9.43 1.26
C VAL B 85 -14.04 10.21 2.39
N ALA B 86 -13.01 9.64 3.00
CA ALA B 86 -12.26 10.36 4.02
C ALA B 86 -10.76 10.14 3.82
N GLU B 87 -10.00 11.22 4.00
CA GLU B 87 -8.56 11.20 3.92
C GLU B 87 -7.94 11.61 5.25
N VAL B 88 -6.87 10.95 5.65
CA VAL B 88 -6.10 11.30 6.84
C VAL B 88 -4.63 11.36 6.42
N CME B 89 -3.84 12.23 7.05
CA CME B 89 -2.43 12.40 6.76
CB CME B 89 -2.18 13.68 6.04
SG CME B 89 -3.13 13.81 4.51
SD CME B 89 -3.67 15.78 4.53
CE CME B 89 -5.23 15.85 5.47
CZ CME B 89 -6.38 15.21 4.75
OH CME B 89 -6.59 15.76 3.46
C CME B 89 -1.63 12.29 8.04
O CME B 89 -1.96 13.01 9.00
H CME B 89 -4.21 12.76 7.71
HA CME B 89 -2.16 11.67 6.16
HB2 CME B 89 -2.40 14.43 6.64
HB3 CME B 89 -1.21 13.72 5.82
HE2 CME B 89 -5.10 15.40 6.33
HE3 CME B 89 -5.44 16.79 5.65
HZ2 CME B 89 -6.22 14.26 4.68
HZ3 CME B 89 -7.20 15.34 5.28
N ILE B 90 -0.60 11.46 8.09
CA ILE B 90 0.12 11.26 9.35
C ILE B 90 1.62 11.43 9.15
N THR B 91 2.28 12.06 10.13
CA THR B 91 3.73 12.19 10.18
C THR B 91 4.18 11.99 11.62
N PHE B 92 5.48 11.87 11.89
CA PHE B 92 5.95 11.72 13.24
C PHE B 92 7.36 12.26 13.42
N ASP B 93 7.69 12.50 14.67
CA ASP B 93 9.01 12.79 15.17
C ASP B 93 9.18 11.96 16.44
N GLN B 94 10.32 12.08 17.11
CA GLN B 94 10.57 11.26 18.29
C GLN B 94 9.55 11.55 19.40
N ALA B 95 8.92 12.73 19.43
CA ALA B 95 8.05 13.10 20.54
C ALA B 95 6.57 12.78 20.25
N ASN B 96 6.09 13.03 19.04
CA ASN B 96 4.68 12.85 18.72
C ASN B 96 4.46 12.35 17.29
N LEU B 97 3.32 11.69 17.11
CA LEU B 97 2.71 11.58 15.80
C LEU B 97 1.76 12.75 15.64
N THR B 98 1.68 13.28 14.41
CA THR B 98 0.76 14.36 14.10
C THR B 98 -0.21 13.84 13.06
N VAL B 99 -1.49 13.93 13.39
CA VAL B 99 -2.55 13.46 12.53
C VAL B 99 -3.30 14.67 12.00
N LYS B 100 -3.46 14.74 10.67
CA LYS B 100 -4.28 15.76 10.05
C LYS B 100 -5.52 15.11 9.47
N LEU B 101 -6.68 15.67 9.85
CA LEU B 101 -8.00 15.13 9.55
C LEU B 101 -8.56 15.78 8.30
N PRO B 102 -9.70 15.27 7.77
CA PRO B 102 -10.27 15.74 6.51
C PRO B 102 -10.60 17.23 6.36
N ASP B 103 -10.88 17.89 7.49
CA ASP B 103 -11.18 19.31 7.49
C ASP B 103 -9.93 20.13 7.79
N GLY B 104 -8.74 19.51 7.83
CA GLY B 104 -7.51 20.25 8.09
C GLY B 104 -7.15 20.34 9.58
N TYR B 105 -8.09 19.98 10.46
CA TYR B 105 -7.81 19.87 11.89
C TYR B 105 -6.65 18.91 12.14
N GLU B 106 -5.73 19.33 13.01
CA GLU B 106 -4.56 18.54 13.38
C GLU B 106 -4.57 18.28 14.88
N PHE B 107 -4.10 17.10 15.26
CA PHE B 107 -3.79 16.84 16.65
C PHE B 107 -2.55 15.98 16.77
N LYS B 108 -1.99 15.97 17.98
CA LYS B 108 -0.79 15.22 18.27
C LYS B 108 -1.13 14.06 19.20
N PHE B 109 -0.39 12.96 19.03
CA PHE B 109 -0.50 11.78 19.85
C PHE B 109 0.93 11.42 20.26
N PRO B 110 1.24 11.21 21.55
CA PRO B 110 2.61 10.96 21.94
C PRO B 110 3.15 9.70 21.31
N ASN B 111 4.43 9.77 20.93
CA ASN B 111 5.14 8.66 20.37
C ASN B 111 5.78 7.88 21.50
N ARG B 112 5.17 6.75 21.87
CA ARG B 112 5.57 6.03 23.06
C ARG B 112 6.52 4.85 22.80
N LEU B 113 6.69 4.44 21.55
CA LEU B 113 7.56 3.32 21.20
C LEU B 113 8.95 3.77 20.75
N ASN B 114 9.10 5.00 20.27
CA ASN B 114 10.35 5.52 19.74
CA ASN B 114 10.41 5.46 19.84
C ASN B 114 10.97 4.60 18.69
N LEU B 115 10.15 4.20 17.71
CA LEU B 115 10.64 3.46 16.56
C LEU B 115 11.46 4.39 15.65
N GLU B 116 12.46 3.82 14.97
CA GLU B 116 13.26 4.57 13.99
C GLU B 116 12.44 4.92 12.75
N ALA B 117 11.48 4.06 12.44
CA ALA B 117 10.70 4.15 11.22
C ALA B 117 9.38 3.45 11.48
N ILE B 118 8.36 3.85 10.73
CA ILE B 118 7.13 3.09 10.75
C ILE B 118 7.18 2.13 9.57
N ASN B 119 7.08 0.86 9.87
CA ASN B 119 7.17 -0.16 8.85
C ASN B 119 5.85 -0.85 8.54
N TYR B 120 4.84 -0.68 9.39
CA TYR B 120 3.63 -1.46 9.30
C TYR B 120 2.44 -0.52 9.33
N MET B 121 1.49 -0.81 8.44
CA MET B 121 0.20 -0.13 8.45
C MET B 121 -0.89 -1.16 8.22
N ALA B 122 -2.04 -0.97 8.88
CA ALA B 122 -3.18 -1.84 8.61
C ALA B 122 -4.45 -1.04 8.76
N ALA B 123 -5.43 -1.39 7.95
CA ALA B 123 -6.79 -0.86 8.07
C ALA B 123 -7.72 -1.95 8.60
N ASP B 124 -8.74 -1.52 9.36
CA ASP B 124 -9.77 -2.44 9.81
C ASP B 124 -11.06 -1.65 9.99
N GLY B 125 -12.13 -2.42 10.23
CA GLY B 125 -13.47 -1.89 10.39
C GLY B 125 -14.06 -1.37 9.10
N ASP B 126 -14.91 -0.33 9.22
CA ASP B 126 -15.87 -0.01 8.17
C ASP B 126 -15.29 1.04 7.23
N PHE B 127 -14.08 0.78 6.72
CA PHE B 127 -13.33 1.70 5.85
C PHE B 127 -12.62 0.85 4.79
N LYS B 128 -12.73 1.22 3.53
CA LYS B 128 -11.99 0.57 2.47
C LYS B 128 -10.94 1.53 1.92
N ILE B 129 -9.67 1.21 2.06
CA ILE B 129 -8.58 2.02 1.48
C ILE B 129 -8.66 2.05 -0.04
N LYS B 130 -8.64 3.28 -0.60
CA LYS B 130 -8.62 3.50 -2.04
C LYS B 130 -7.24 3.95 -2.56
N CME B 131 -6.49 4.69 -1.74
CA CME B 131 -5.23 5.25 -2.17
CB CME B 131 -5.46 6.55 -2.94
SG CME B 131 -3.93 7.15 -3.71
SD CME B 131 -3.84 9.10 -3.16
CE CME B 131 -3.57 8.87 -1.39
CZ CME B 131 -4.30 9.89 -0.62
OH CME B 131 -4.51 11.06 -1.38
C CME B 131 -4.32 5.46 -0.96
O CME B 131 -4.77 5.85 0.12
H CME B 131 -6.77 4.85 -0.89
HA CME B 131 -4.79 4.62 -2.78
HB2 CME B 131 -6.14 6.38 -3.66
HB3 CME B 131 -5.81 7.24 -2.33
HE2 CME B 131 -3.87 7.98 -1.12
HE3 CME B 131 -2.61 8.94 -1.19
HZ2 CME B 131 -5.17 9.52 -0.34
HZ3 CME B 131 -3.80 10.10 0.19
N VAL B 132 -3.03 5.20 -1.15
CA VAL B 132 -2.03 5.49 -0.14
C VAL B 132 -0.87 6.19 -0.84
N ALA B 133 -0.40 7.29 -0.22
CA ALA B 133 0.71 8.06 -0.77
C ALA B 133 1.80 8.29 0.31
N PHE B 134 3.02 8.38 -0.16
CA PHE B 134 4.21 8.55 0.67
C PHE B 134 4.94 9.79 0.16
N ASP B 135 4.97 10.87 0.93
CA ASP B 135 5.85 11.97 0.53
C ASP B 135 6.50 12.59 1.78
C15 VPZ C . 15.28 -6.86 -8.48
C14 VPZ C . 15.96 -17.05 -14.72
C13 VPZ C . 15.75 -17.86 -15.82
C12 VPZ C . 14.51 -18.46 -16.10
C11 VPZ C . 13.58 -18.35 -15.04
C10 VPZ C . 13.73 -17.59 -13.93
C8 VPZ C . 14.80 -9.06 -8.48
C9 VPZ C . 14.99 -17.00 -13.73
C6 VPZ C . 14.64 -10.85 -10.24
C5 VPZ C . 14.25 -13.27 -11.09
N1 VPZ C . 14.22 -11.36 -8.05
C2 VPZ C . 12.91 -14.05 -13.04
C3 VPZ C . 11.65 -14.04 -13.89
O3 VPZ C . 11.56 -15.11 -14.88
C4 VPZ C . 15.40 -13.29 -12.01
F VPZ C . 14.27 -19.21 -17.20
CL1 VPZ C . 12.02 -19.06 -15.37
CL VPZ C . 16.94 -17.96 -17.13
S VPZ C . 15.29 -16.05 -12.34
C VPZ C . 15.27 -14.38 -13.03
O2 VPZ C . 16.60 -13.53 -11.27
C1 VPZ C . 12.97 -13.05 -11.91
O1 VPZ C . 13.01 -11.76 -12.53
O VPZ C . 14.10 -14.16 -13.76
N VPZ C . 14.38 -12.15 -10.13
N2 VPZ C . 14.10 -12.51 -8.82
C7 VPZ C . 14.59 -10.43 -8.93
S1 VPZ C . 14.46 -8.63 -6.86
C16 VPZ C . 14.93 -6.99 -7.14
N3 VPZ C . 15.21 -8.03 -9.22
H15 VPZ C . 15.61 -5.91 -8.92
H14 VPZ C . 16.92 -16.59 -14.54
H10 VPZ C . 12.96 -17.52 -13.18
H6 VPZ C . 14.90 -10.28 -11.12
H5 VPZ C . 14.18 -14.23 -10.56
H2 VPZ C . 12.81 -15.01 -12.51
H31 VPZ C . 11.59 -13.08 -14.42
H32 VPZ C . 10.78 -14.10 -13.24
H4 VPZ C . 15.47 -12.33 -12.52
H VPZ C . 16.12 -14.28 -13.72
H1 VPZ C . 12.08 -13.15 -11.26
H16 VPZ C . 14.85 -6.31 -6.30
C1 GOL D . 7.31 1.99 -0.74
O1 GOL D . 8.08 0.83 -1.09
C2 GOL D . 7.61 2.47 0.65
O2 GOL D . 8.73 1.72 1.14
C3 GOL D . 7.92 3.96 0.70
O3 GOL D . 8.53 4.39 -0.52
H11 GOL D . 6.35 1.77 -0.80
H12 GOL D . 7.51 2.70 -1.38
H2 GOL D . 6.84 2.30 1.23
H31 GOL D . 8.52 4.14 1.45
H32 GOL D . 7.07 4.46 0.84
HO3 GOL D . 9.30 4.07 -0.55
C15 VPZ E . -12.91 -2.00 14.48
C14 VPZ E . -10.67 -0.65 26.21
C13 VPZ E . -10.41 0.18 27.26
C12 VPZ E . -9.09 0.58 27.66
C11 VPZ E . -8.13 0.13 26.75
C10 VPZ E . -8.37 -0.68 25.68
C8 VPZ E . -11.59 -2.63 16.18
C9 VPZ E . -9.66 -1.02 25.33
C6 VPZ E . -11.04 -1.68 18.46
C5 VPZ E . -9.90 -1.71 20.79
N1 VPZ E . -10.21 -3.67 17.81
C2 VPZ E . -8.95 0.23 22.00
C3 VPZ E . -7.94 1.34 22.04
O3 VPZ E . -7.64 1.84 23.32
C4 VPZ E . -11.17 -1.39 21.60
F VPZ E . -8.83 1.37 28.73
CL1 VPZ E . -6.54 0.68 27.16
CL VPZ E . -11.67 0.69 28.39
S VPZ E . -9.98 -2.04 24.01
C VPZ E . -10.91 -0.87 22.98
O2 VPZ E . -11.90 -2.59 21.77
C1 VPZ E . -9.11 -0.45 20.69
O1 VPZ E . -9.82 0.53 19.94
O VPZ E . -10.10 0.26 22.84
N VPZ E . -10.31 -2.18 19.44
N2 VPZ E . -9.76 -3.39 19.10
C7 VPZ E . -10.97 -2.64 17.50
S1 VPZ E . -11.09 -3.75 14.97
C16 VPZ E . -12.29 -3.12 13.90
N3 VPZ E . -12.55 -1.76 15.80
H15 VPZ E . -13.70 -1.44 13.98
H14 VPZ E . -11.68 -0.92 26.01
H10 VPZ E . -7.56 -0.96 25.02
H6 VPZ E . -11.60 -0.74 18.44
H5 VPZ E . -9.31 -2.48 21.31
H2 VPZ E . -8.35 -0.53 22.52
H31 VPZ E . -8.31 2.17 21.42
H32 VPZ E . -7.01 0.99 21.59
H4 VPZ E . -11.78 -0.66 21.06
H VPZ E . -11.86 -0.61 23.46
H1 VPZ E . -8.12 -0.65 20.24
H16 VPZ E . -12.30 -3.55 12.91
#